data_3MN9
#
_entry.id   3MN9
#
_cell.length_a   126.080
_cell.length_b   126.080
_cell.length_c   56.370
_cell.angle_alpha   90.00
_cell.angle_beta   90.00
_cell.angle_gamma   120.00
#
_symmetry.space_group_name_H-M   'P 65'
#
loop_
_entity.id
_entity.type
_entity.pdbx_description
1 polymer Actin-5C
2 polymer 'Protein spire'
3 non-polymer "ADENOSINE-5'-TRIPHOSPHATE"
4 non-polymer 'CALCIUM ION'
5 water water
#
loop_
_entity_poly.entity_id
_entity_poly.type
_entity_poly.pdbx_seq_one_letter_code
_entity_poly.pdbx_strand_id
1 'polypeptide(L)'
;DEEVAALVVDNGSGMCKAGFAGDDAPRAVFPSIVGRPRHQGVMVGMGQKDSYVGDEAQSKRGILTLKYPIEHGIVTNWDD
MEKIWHHTFYNELRVAPEEHPVLLTEAPLNPKANREKMTQIMFETFNTPAMYVAIQAVLSLYASGRTTGIVLDSGDGVSH
TVPIYEGYALPHAILRLDLAGRDLTDYLMKILTERGYSFTTTEEREIVRDIKEKLCYVALDFEQEMATAASSSSLEKSYE
LKDGQVITIGNERFRCPEALFQPSFLGMEACGIHETTYNSIMKCDVDIRKDLYANTVLSGGTTMYPGIADRMQKEITALA
PSTMKIKIIAPPERKYSVWIGGSILASLSTFQQMWISKQEYDESGPSIVHRKCF
;
A
2 'polypeptide(L)'
;(UNK)(UNK)(UNK)(UNK)(UNK)(UNK)(UNK)(UNK)(UNK)(UNK)(UNK)(UNK)(UNK)(UNK)(UNK)(UNK)
(UNK)(UNK)(UNK)
;
X
#
# COMPACT_ATOMS: atom_id res chain seq x y z
N VAL A 4 23.91 14.98 -3.84
CA VAL A 4 22.52 15.20 -3.30
C VAL A 4 21.56 14.02 -3.61
N ALA A 5 20.99 13.44 -2.54
CA ALA A 5 20.12 12.28 -2.67
C ALA A 5 18.69 12.75 -2.94
N ALA A 6 18.03 12.06 -3.87
CA ALA A 6 16.57 12.20 -4.08
C ALA A 6 15.72 11.91 -2.83
N LEU A 7 14.53 12.48 -2.80
CA LEU A 7 13.51 12.15 -1.79
C LEU A 7 12.41 11.20 -2.35
N VAL A 8 11.98 10.27 -1.50
CA VAL A 8 10.99 9.28 -1.89
C VAL A 8 9.78 9.43 -0.98
N VAL A 9 8.64 9.74 -1.59
CA VAL A 9 7.44 10.02 -0.83
C VAL A 9 6.29 9.13 -1.30
N ASP A 10 5.87 8.23 -0.40
CA ASP A 10 4.76 7.31 -0.67
C ASP A 10 3.53 7.69 0.16
N ASN A 11 2.51 8.21 -0.51
CA ASN A 11 1.35 8.72 0.20
C ASN A 11 0.22 7.70 0.11
N GLY A 12 -0.34 7.30 1.27
CA GLY A 12 -1.33 6.24 1.30
C GLY A 12 -2.62 6.72 1.92
N SER A 13 -3.71 5.97 1.79
CA SER A 13 -4.97 6.33 2.43
C SER A 13 -4.87 6.50 3.95
N GLY A 14 -4.06 5.65 4.60
CA GLY A 14 -3.88 5.75 6.05
C GLY A 14 -2.54 6.29 6.56
N MET A 15 -1.44 5.99 5.85
CA MET A 15 -0.08 6.31 6.32
C MET A 15 0.77 6.83 5.18
N CYS A 16 1.54 7.89 5.46
CA CYS A 16 2.53 8.41 4.52
C CYS A 16 3.89 7.94 4.96
N LYS A 17 4.74 7.65 3.99
CA LYS A 17 6.09 7.11 4.23
C LYS A 17 7.08 7.94 3.45
N ALA A 18 8.17 8.36 4.09
CA ALA A 18 9.09 9.35 3.49
C ALA A 18 10.52 9.18 3.94
N GLY A 19 11.48 9.49 3.08
CA GLY A 19 12.88 9.37 3.44
C GLY A 19 13.72 9.67 2.23
N PHE A 20 14.93 9.12 2.20
CA PHE A 20 15.92 9.42 1.17
C PHE A 20 16.21 8.25 0.26
N ALA A 21 16.26 8.49 -1.05
CA ALA A 21 16.62 7.43 -1.99
C ALA A 21 18.05 6.94 -1.72
N GLY A 22 18.23 5.62 -1.60
CA GLY A 22 19.50 5.03 -1.20
C GLY A 22 19.37 4.39 0.17
N ASP A 23 18.35 4.81 0.92
CA ASP A 23 18.12 4.20 2.22
C ASP A 23 17.29 2.94 2.14
N ASP A 24 17.33 2.14 3.21
CA ASP A 24 16.70 0.83 3.13
C ASP A 24 15.37 0.86 3.81
N ALA A 25 15.03 2.04 4.32
CA ALA A 25 13.78 2.24 5.01
C ALA A 25 13.46 3.75 5.10
N PRO A 26 12.16 4.10 5.05
CA PRO A 26 11.77 5.51 5.17
C PRO A 26 12.16 5.99 6.57
N ARG A 27 12.45 7.28 6.72
CA ARG A 27 12.73 7.83 8.04
C ARG A 27 11.47 8.39 8.66
N ALA A 28 10.51 8.76 7.83
CA ALA A 28 9.29 9.29 8.39
C ALA A 28 8.10 8.42 8.00
N VAL A 29 7.38 7.93 9.00
CA VAL A 29 6.10 7.24 8.80
C VAL A 29 5.07 7.87 9.72
N PHE A 30 4.02 8.47 9.15
CA PHE A 30 2.98 9.11 9.97
C PHE A 30 1.60 9.04 9.28
N PRO A 31 0.51 9.11 10.06
CA PRO A 31 -0.87 9.10 9.51
C PRO A 31 -1.17 10.20 8.45
N SER A 32 -1.94 9.84 7.43
CA SER A 32 -2.41 10.82 6.43
C SER A 32 -3.61 11.56 6.98
N ILE A 33 -3.33 12.38 7.99
CA ILE A 33 -4.37 13.13 8.66
C ILE A 33 -4.03 14.61 8.59
N VAL A 34 -5.02 15.43 8.30
CA VAL A 34 -4.92 16.87 8.45
C VAL A 34 -6.09 17.30 9.32
N GLY A 35 -5.77 18.00 10.42
CA GLY A 35 -6.80 18.44 11.38
C GLY A 35 -6.86 19.96 11.47
N ARG A 36 -8.06 20.47 11.67
CA ARG A 36 -8.32 21.91 11.71
C ARG A 36 -9.30 22.05 12.88
N PRO A 37 -9.21 23.17 13.67
CA PRO A 37 -9.97 23.36 14.94
C PRO A 37 -11.48 23.25 14.79
N ARG A 38 -12.14 22.73 15.82
CA ARG A 38 -13.58 22.44 15.72
C ARG A 38 -14.40 23.72 15.67
N ASP A 50 -3.88 26.26 14.56
CA ASP A 50 -4.61 26.63 13.34
C ASP A 50 -4.82 25.48 12.31
N SER A 51 -3.72 24.76 12.00
CA SER A 51 -3.67 23.67 11.02
C SER A 51 -2.65 22.59 11.49
N TYR A 52 -3.11 21.35 11.67
CA TYR A 52 -2.25 20.26 12.15
C TYR A 52 -2.15 19.07 11.18
N VAL A 53 -1.01 18.36 11.24
CA VAL A 53 -0.72 17.24 10.35
C VAL A 53 -0.02 16.08 11.07
N GLY A 54 -0.50 14.87 10.83
CA GLY A 54 0.24 13.66 11.21
C GLY A 54 -0.01 13.21 12.62
N ASP A 55 1.08 12.96 13.36
CA ASP A 55 0.98 12.41 14.72
C ASP A 55 0.32 13.43 15.62
N GLU A 56 0.87 14.64 15.50
CA GLU A 56 0.41 15.85 16.14
C GLU A 56 -1.09 15.96 16.01
N ALA A 57 -1.59 15.76 14.81
CA ALA A 57 -3.01 15.86 14.55
C ALA A 57 -3.82 14.74 15.15
N GLN A 58 -3.20 13.57 15.37
CA GLN A 58 -3.94 12.41 15.94
C GLN A 58 -4.18 12.62 17.43
N SER A 59 -3.15 13.11 18.13
CA SER A 59 -3.23 13.38 19.58
C SER A 59 -4.12 14.57 20.00
N LYS A 60 -4.25 15.58 19.13
CA LYS A 60 -5.13 16.71 19.41
C LYS A 60 -6.51 16.52 18.81
N ARG A 61 -6.89 15.29 18.53
CA ARG A 61 -8.13 15.05 17.82
C ARG A 61 -9.36 15.50 18.63
N GLY A 62 -9.22 15.60 19.96
CA GLY A 62 -10.34 15.98 20.82
C GLY A 62 -10.85 17.37 20.50
N ILE A 63 -9.97 18.19 19.93
CA ILE A 63 -10.26 19.58 19.58
C ILE A 63 -10.27 19.87 18.06
N LEU A 64 -10.13 18.81 17.26
CA LEU A 64 -9.94 18.97 15.80
C LEU A 64 -10.94 18.20 14.90
N THR A 65 -11.26 18.79 13.75
CA THR A 65 -11.96 18.11 12.67
C THR A 65 -10.86 17.54 11.79
N LEU A 66 -10.83 16.20 11.71
CA LEU A 66 -9.77 15.45 11.02
C LEU A 66 -10.16 15.15 9.57
N LYS A 67 -9.23 15.42 8.66
CA LYS A 67 -9.41 15.18 7.24
C LYS A 67 -8.44 14.11 6.78
N TYR A 68 -8.92 13.30 5.82
CA TYR A 68 -8.18 12.22 5.14
C TYR A 68 -8.15 12.56 3.68
N PRO A 69 -7.10 13.22 3.21
CA PRO A 69 -7.08 13.71 1.83
C PRO A 69 -6.96 12.63 0.73
N ILE A 70 -6.51 11.41 1.07
CA ILE A 70 -6.37 10.30 0.15
C ILE A 70 -7.44 9.25 0.51
N GLU A 71 -8.34 8.97 -0.42
CA GLU A 71 -9.43 8.06 -0.15
C GLU A 71 -9.28 6.96 -1.16
N HIS A 72 -9.17 5.74 -0.66
CA HIS A 72 -8.98 4.60 -1.50
C HIS A 72 -7.74 4.76 -2.41
N GLY A 73 -6.72 5.42 -1.91
CA GLY A 73 -5.51 5.62 -2.69
C GLY A 73 -5.48 6.86 -3.58
N ILE A 74 -6.65 7.45 -3.82
CA ILE A 74 -6.76 8.63 -4.69
C ILE A 74 -6.86 9.93 -3.87
N VAL A 75 -6.01 10.91 -4.18
CA VAL A 75 -6.14 12.22 -3.57
C VAL A 75 -7.49 12.88 -3.90
N THR A 76 -8.35 13.11 -2.91
CA THR A 76 -9.58 13.83 -3.12
C THR A 76 -9.52 15.29 -2.69
N ASN A 77 -8.58 15.66 -1.80
CA ASN A 77 -8.42 17.06 -1.33
C ASN A 77 -7.02 17.62 -1.56
N TRP A 78 -6.90 18.56 -2.48
CA TRP A 78 -5.54 19.00 -2.86
C TRP A 78 -4.91 20.01 -1.89
N ASP A 79 -5.76 20.66 -1.12
CA ASP A 79 -5.33 21.70 -0.22
C ASP A 79 -4.69 21.01 0.94
N ASP A 80 -5.40 20.00 1.46
CA ASP A 80 -4.95 19.21 2.61
C ASP A 80 -3.73 18.41 2.24
N MET A 81 -3.72 17.94 1.01
CA MET A 81 -2.62 17.17 0.48
C MET A 81 -1.34 18.00 0.39
N GLU A 82 -1.48 19.25 -0.05
CA GLU A 82 -0.36 20.19 -0.11
C GLU A 82 0.29 20.42 1.28
N LYS A 83 -0.55 20.46 2.33
CA LYS A 83 -0.08 20.56 3.73
C LYS A 83 0.72 19.33 4.22
N ILE A 84 0.24 18.13 3.86
CA ILE A 84 0.93 16.89 4.18
C ILE A 84 2.31 16.94 3.60
N TRP A 85 2.43 17.26 2.31
CA TRP A 85 3.74 17.36 1.65
C TRP A 85 4.66 18.44 2.24
N HIS A 86 4.07 19.60 2.55
CA HIS A 86 4.76 20.64 3.32
C HIS A 86 5.30 20.08 4.61
N HIS A 87 4.42 19.53 5.45
CA HIS A 87 4.87 18.89 6.68
C HIS A 87 5.99 17.88 6.41
N THR A 88 5.79 17.03 5.44
CA THR A 88 6.76 15.99 5.15
C THR A 88 8.18 16.53 4.95
N PHE A 89 8.28 17.66 4.26
CA PHE A 89 9.55 18.23 3.84
C PHE A 89 10.19 18.99 4.97
N TYR A 90 9.39 19.84 5.61
CA TYR A 90 9.93 20.81 6.54
C TYR A 90 10.02 20.29 7.96
N ASN A 91 8.99 19.56 8.40
CA ASN A 91 8.94 19.01 9.78
C ASN A 91 9.46 17.57 9.93
N GLU A 92 9.05 16.64 9.07
CA GLU A 92 9.45 15.24 9.27
C GLU A 92 10.85 14.92 8.74
N LEU A 93 11.18 15.40 7.55
CA LEU A 93 12.47 15.12 6.92
C LEU A 93 13.51 16.22 7.18
N ARG A 94 13.01 17.41 7.51
CA ARG A 94 13.79 18.65 7.76
C ARG A 94 14.73 19.00 6.57
N VAL A 95 14.18 19.02 5.36
CA VAL A 95 14.94 19.45 4.16
C VAL A 95 14.19 20.50 3.34
N ALA A 96 14.78 20.90 2.21
CA ALA A 96 14.18 21.88 1.32
C ALA A 96 13.95 21.30 -0.06
N PRO A 97 12.68 21.30 -0.53
CA PRO A 97 12.27 20.71 -1.81
C PRO A 97 13.04 21.19 -3.05
N GLU A 98 13.41 22.47 -3.11
CA GLU A 98 14.14 23.05 -4.26
C GLU A 98 15.57 22.51 -4.38
N GLU A 99 16.04 21.85 -3.34
CA GLU A 99 17.37 21.27 -3.34
C GLU A 99 17.41 19.80 -3.78
N HIS A 100 16.22 19.18 -3.81
CA HIS A 100 16.09 17.73 -3.97
C HIS A 100 15.13 17.33 -5.05
N PRO A 101 15.55 16.37 -5.90
CA PRO A 101 14.59 15.71 -6.78
C PRO A 101 13.60 14.87 -5.94
N VAL A 102 12.33 14.79 -6.37
CA VAL A 102 11.29 14.11 -5.55
C VAL A 102 10.57 13.03 -6.32
N LEU A 103 10.66 11.79 -5.83
CA LEU A 103 9.83 10.69 -6.33
C LEU A 103 8.53 10.61 -5.53
N LEU A 104 7.42 10.85 -6.21
CA LEU A 104 6.13 10.61 -5.61
C LEU A 104 5.53 9.32 -6.19
N THR A 105 4.59 8.72 -5.47
CA THR A 105 3.95 7.48 -5.90
C THR A 105 2.51 7.80 -6.12
N GLU A 106 1.85 7.01 -6.92
CA GLU A 106 0.44 7.23 -7.22
C GLU A 106 -0.26 5.85 -7.31
N ALA A 107 -1.58 5.84 -7.12
CA ALA A 107 -2.38 4.63 -7.18
C ALA A 107 -2.43 4.16 -8.62
N PRO A 108 -2.63 2.84 -8.85
CA PRO A 108 -2.94 2.36 -10.19
C PRO A 108 -4.26 2.97 -10.67
N LEU A 109 -4.31 3.30 -11.97
CA LEU A 109 -5.50 3.93 -12.60
C LEU A 109 -5.82 5.38 -12.13
N ASN A 110 -4.81 6.05 -11.60
CA ASN A 110 -4.90 7.43 -11.13
C ASN A 110 -5.35 8.34 -12.28
N PRO A 111 -6.43 9.12 -12.07
CA PRO A 111 -6.97 9.95 -13.14
C PRO A 111 -5.88 10.84 -13.71
N LYS A 112 -5.84 10.94 -15.03
CA LYS A 112 -4.95 11.87 -15.71
C LYS A 112 -4.85 13.27 -15.05
N ALA A 113 -5.97 13.85 -14.62
CA ALA A 113 -5.94 15.19 -14.00
C ALA A 113 -5.11 15.22 -12.70
N ASN A 114 -5.24 14.15 -11.91
CA ASN A 114 -4.53 14.02 -10.66
C ASN A 114 -3.04 14.01 -10.83
N ARG A 115 -2.55 13.31 -11.85
CA ARG A 115 -1.12 13.28 -12.18
C ARG A 115 -0.58 14.64 -12.60
N GLU A 116 -1.38 15.38 -13.38
CA GLU A 116 -1.04 16.77 -13.73
C GLU A 116 -0.99 17.68 -12.50
N LYS A 117 -2.04 17.64 -11.69
CA LYS A 117 -2.10 18.50 -10.55
C LYS A 117 -0.96 18.23 -9.59
N MET A 118 -0.53 16.99 -9.51
CA MET A 118 0.58 16.60 -8.69
C MET A 118 1.91 17.20 -9.18
N THR A 119 2.10 17.19 -10.49
CA THR A 119 3.33 17.71 -11.14
C THR A 119 3.38 19.22 -10.91
N GLN A 120 2.28 19.90 -11.23
CA GLN A 120 2.16 21.33 -10.98
C GLN A 120 2.53 21.75 -9.56
N ILE A 121 1.97 21.05 -8.56
CA ILE A 121 2.22 21.37 -7.14
C ILE A 121 3.70 21.27 -6.75
N MET A 122 4.44 20.31 -7.28
CA MET A 122 5.80 20.11 -6.81
C MET A 122 6.67 21.24 -7.29
N PHE A 123 6.48 21.59 -8.57
CA PHE A 123 7.35 22.51 -9.27
C PHE A 123 7.02 23.94 -8.87
N GLU A 124 5.70 24.23 -8.82
CA GLU A 124 5.21 25.59 -8.62
C GLU A 124 5.04 25.98 -7.19
N THR A 125 4.57 25.07 -6.35
CA THR A 125 4.51 25.33 -4.91
C THR A 125 5.82 25.05 -4.20
N PHE A 126 6.53 23.98 -4.55
CA PHE A 126 7.71 23.61 -3.74
C PHE A 126 8.96 23.80 -4.55
N ASN A 127 8.78 24.22 -5.78
CA ASN A 127 9.90 24.53 -6.66
C ASN A 127 10.96 23.45 -6.79
N THR A 128 10.54 22.18 -6.87
CA THR A 128 11.53 21.11 -6.99
C THR A 128 12.34 21.23 -8.26
N PRO A 129 13.62 20.84 -8.20
CA PRO A 129 14.41 20.85 -9.42
C PRO A 129 14.03 19.76 -10.41
N ALA A 130 13.61 18.59 -9.88
CA ALA A 130 13.27 17.44 -10.69
C ALA A 130 12.20 16.63 -9.97
N MET A 131 11.37 15.93 -10.72
CA MET A 131 10.41 15.04 -10.09
C MET A 131 9.99 13.91 -10.99
N TYR A 132 9.36 12.93 -10.35
CA TYR A 132 8.83 11.77 -10.98
C TYR A 132 7.66 11.20 -10.18
N VAL A 133 6.74 10.60 -10.88
CA VAL A 133 5.61 9.91 -10.26
C VAL A 133 5.52 8.46 -10.78
N ALA A 134 5.55 7.49 -9.85
CA ALA A 134 5.57 6.06 -10.21
C ALA A 134 4.35 5.33 -9.60
N ILE A 135 3.95 4.22 -10.21
CA ILE A 135 2.79 3.47 -9.72
C ILE A 135 3.22 2.59 -8.53
N GLN A 136 2.54 2.75 -7.39
CA GLN A 136 2.92 2.09 -6.16
C GLN A 136 3.22 0.64 -6.37
N ALA A 137 2.36 -0.09 -7.08
CA ALA A 137 2.50 -1.54 -7.19
C ALA A 137 3.74 -1.93 -8.00
N VAL A 138 4.06 -1.13 -9.00
CA VAL A 138 5.20 -1.39 -9.85
C VAL A 138 6.48 -1.34 -9.02
N LEU A 139 6.58 -0.38 -8.10
CA LEU A 139 7.73 -0.23 -7.22
C LEU A 139 7.87 -1.41 -6.22
N SER A 140 6.75 -1.98 -5.75
CA SER A 140 6.82 -3.15 -4.90
C SER A 140 7.37 -4.29 -5.70
N LEU A 141 6.97 -4.42 -6.95
CA LEU A 141 7.55 -5.46 -7.77
C LEU A 141 9.05 -5.26 -7.86
N TYR A 142 9.47 -4.04 -8.17
CA TYR A 142 10.92 -3.74 -8.30
C TYR A 142 11.68 -4.13 -7.02
N ALA A 143 11.12 -3.76 -5.87
CA ALA A 143 11.70 -3.99 -4.57
C ALA A 143 11.95 -5.49 -4.34
N SER A 144 11.16 -6.36 -5.00
CA SER A 144 11.33 -7.81 -4.85
C SER A 144 12.34 -8.37 -5.86
N GLY A 145 12.84 -7.53 -6.78
CA GLY A 145 13.83 -7.99 -7.76
C GLY A 145 13.26 -8.35 -9.13
N ARG A 146 12.03 -7.93 -9.39
CA ARG A 146 11.35 -8.38 -10.56
C ARG A 146 10.95 -7.20 -11.39
N THR A 147 10.76 -7.44 -12.66
CA THR A 147 10.24 -6.39 -13.53
C THR A 147 9.03 -6.89 -14.26
N THR A 148 8.67 -8.18 -14.08
CA THR A 148 7.42 -8.70 -14.66
C THR A 148 6.79 -9.59 -13.59
N GLY A 149 5.49 -9.48 -13.39
CA GLY A 149 4.79 -10.21 -12.33
C GLY A 149 3.43 -9.59 -12.08
N ILE A 150 2.69 -10.14 -11.11
CA ILE A 150 1.46 -9.48 -10.69
C ILE A 150 1.53 -9.12 -9.21
N VAL A 151 1.18 -7.87 -8.88
CA VAL A 151 1.18 -7.45 -7.48
C VAL A 151 -0.22 -7.43 -6.94
N LEU A 152 -0.38 -8.02 -5.75
CA LEU A 152 -1.54 -7.73 -4.92
C LEU A 152 -1.15 -6.69 -3.84
N ASP A 153 -1.63 -5.46 -4.01
CA ASP A 153 -1.36 -4.36 -3.05
C ASP A 153 -2.58 -4.06 -2.20
N SER A 154 -2.50 -4.35 -0.92
CA SER A 154 -3.58 -4.11 -0.01
C SER A 154 -3.13 -3.29 1.18
N GLY A 155 -3.71 -2.09 1.33
CA GLY A 155 -3.28 -1.10 2.30
C GLY A 155 -4.36 -0.85 3.31
N ASP A 156 -4.55 0.41 3.68
CA ASP A 156 -5.56 0.78 4.65
C ASP A 156 -6.89 1.07 3.96
N GLY A 157 -6.84 1.48 2.70
CA GLY A 157 -8.03 1.98 2.05
C GLY A 157 -8.49 1.24 0.83
N VAL A 158 -7.59 0.63 0.12
CA VAL A 158 -7.90 -0.01 -1.14
C VAL A 158 -7.04 -1.25 -1.39
N SER A 159 -7.59 -2.24 -2.12
CA SER A 159 -6.78 -3.38 -2.66
C SER A 159 -6.72 -3.34 -4.19
N HIS A 160 -5.54 -3.48 -4.77
CA HIS A 160 -5.43 -3.61 -6.23
C HIS A 160 -4.72 -4.89 -6.64
N THR A 161 -5.16 -5.45 -7.78
CA THR A 161 -4.37 -6.48 -8.47
C THR A 161 -3.79 -5.89 -9.73
N VAL A 162 -2.46 -5.89 -9.79
CA VAL A 162 -1.78 -5.22 -10.90
C VAL A 162 -0.79 -6.07 -11.67
N PRO A 163 -1.20 -6.52 -12.86
CA PRO A 163 -0.30 -7.22 -13.73
C PRO A 163 0.66 -6.20 -14.35
N ILE A 164 1.94 -6.55 -14.38
CA ILE A 164 3.01 -5.63 -14.80
C ILE A 164 3.91 -6.35 -15.80
N TYR A 165 4.19 -5.75 -16.95
CA TYR A 165 5.04 -6.42 -17.91
C TYR A 165 6.20 -5.54 -18.23
N GLU A 166 7.40 -5.97 -17.84
CA GLU A 166 8.63 -5.19 -18.01
C GLU A 166 8.48 -3.74 -17.51
N GLY A 167 8.00 -3.60 -16.26
CA GLY A 167 7.85 -2.28 -15.65
C GLY A 167 6.57 -1.57 -16.00
N TYR A 168 5.80 -2.09 -16.98
CA TYR A 168 4.50 -1.48 -17.35
C TYR A 168 3.28 -2.19 -16.80
N ALA A 169 2.55 -1.48 -15.95
CA ALA A 169 1.26 -1.92 -15.44
C ALA A 169 0.27 -1.95 -16.57
N LEU A 170 -0.49 -3.04 -16.67
CA LEU A 170 -1.39 -3.22 -17.81
C LEU A 170 -2.80 -2.77 -17.45
N PRO A 171 -3.18 -1.53 -17.87
CA PRO A 171 -4.37 -0.84 -17.32
C PRO A 171 -5.65 -1.60 -17.53
N HIS A 172 -5.74 -2.29 -18.63
CA HIS A 172 -6.97 -2.98 -18.92
C HIS A 172 -7.17 -4.15 -17.98
N ALA A 173 -6.10 -4.58 -17.32
CA ALA A 173 -6.14 -5.80 -16.52
C ALA A 173 -6.12 -5.54 -15.00
N ILE A 174 -6.09 -4.27 -14.60
CA ILE A 174 -6.03 -3.87 -13.20
C ILE A 174 -7.44 -3.90 -12.63
N LEU A 175 -7.56 -4.39 -11.39
CA LEU A 175 -8.86 -4.54 -10.79
C LEU A 175 -8.79 -3.92 -9.44
N ARG A 176 -9.88 -3.22 -9.05
CA ARG A 176 -9.86 -2.46 -7.80
C ARG A 176 -10.90 -2.98 -6.88
N LEU A 177 -10.52 -3.20 -5.62
CA LEU A 177 -11.48 -3.65 -4.58
C LEU A 177 -11.38 -2.80 -3.35
N ASP A 178 -12.46 -2.11 -2.98
CA ASP A 178 -12.42 -1.23 -1.82
C ASP A 178 -12.68 -2.01 -0.51
N LEU A 179 -11.78 -2.91 -0.20
CA LEU A 179 -11.86 -3.65 1.05
C LEU A 179 -10.42 -3.81 1.49
N ALA A 180 -10.06 -3.20 2.58
CA ALA A 180 -8.72 -3.22 3.05
C ALA A 180 -8.70 -3.05 4.58
N GLY A 181 -7.63 -2.44 5.12
CA GLY A 181 -7.33 -2.58 6.55
C GLY A 181 -8.35 -1.90 7.45
N ARG A 182 -8.76 -0.67 7.12
CA ARG A 182 -9.81 0.02 7.86
C ARG A 182 -11.11 -0.73 7.88
N ASP A 183 -11.50 -1.35 6.77
CA ASP A 183 -12.70 -2.21 6.74
C ASP A 183 -12.55 -3.43 7.65
N LEU A 184 -11.35 -3.94 7.80
CA LEU A 184 -11.15 -5.15 8.59
C LEU A 184 -11.11 -4.83 10.05
N THR A 185 -10.61 -3.64 10.41
CA THR A 185 -10.67 -3.14 11.80
C THR A 185 -12.11 -2.89 12.21
N ASP A 186 -12.91 -2.27 11.34
CA ASP A 186 -14.34 -2.07 11.65
C ASP A 186 -15.06 -3.38 11.74
N TYR A 187 -14.67 -4.35 10.92
CA TYR A 187 -15.26 -5.68 10.99
C TYR A 187 -14.99 -6.40 12.31
N LEU A 188 -13.76 -6.29 12.80
CA LEU A 188 -13.36 -6.96 14.02
C LEU A 188 -14.07 -6.35 15.20
N MET A 189 -14.25 -5.03 15.17
CA MET A 189 -15.04 -4.35 16.18
C MET A 189 -16.40 -4.91 16.29
N LYS A 190 -17.02 -5.18 15.14
CA LYS A 190 -18.38 -5.60 15.03
C LYS A 190 -18.54 -7.03 15.52
N ILE A 191 -17.68 -7.92 15.08
CA ILE A 191 -17.79 -9.30 15.52
C ILE A 191 -17.37 -9.47 16.97
N LEU A 192 -16.50 -8.62 17.51
CA LEU A 192 -16.21 -8.59 18.97
C LEU A 192 -17.37 -8.01 19.75
N THR A 193 -18.12 -7.11 19.10
CA THR A 193 -19.31 -6.53 19.72
C THR A 193 -20.40 -7.58 19.90
N GLU A 194 -20.56 -8.44 18.90
CA GLU A 194 -21.57 -9.46 18.92
C GLU A 194 -21.35 -10.52 20.00
N ARG A 195 -20.15 -10.58 20.57
CA ARG A 195 -19.90 -11.54 21.64
C ARG A 195 -19.85 -10.87 23.01
N GLY A 196 -20.33 -9.62 23.10
CA GLY A 196 -20.35 -8.91 24.39
C GLY A 196 -19.70 -7.53 24.52
N TYR A 197 -18.45 -7.36 24.05
CA TYR A 197 -17.70 -6.08 24.16
C TYR A 197 -18.38 -4.86 23.59
N SER A 198 -17.93 -3.67 23.97
CA SER A 198 -18.50 -2.43 23.39
C SER A 198 -17.40 -1.39 23.08
N PHE A 199 -17.53 -0.70 21.95
CA PHE A 199 -16.47 0.21 21.51
C PHE A 199 -17.11 1.52 21.12
N THR A 200 -16.95 2.53 21.98
CA THR A 200 -17.62 3.82 21.75
C THR A 200 -16.60 4.94 21.54
N THR A 201 -15.31 4.68 21.72
CA THR A 201 -14.32 5.77 21.68
C THR A 201 -13.25 5.49 20.66
N THR A 202 -12.54 6.54 20.29
CA THR A 202 -11.58 6.42 19.21
C THR A 202 -10.34 5.69 19.70
N GLU A 203 -9.98 5.88 20.95
CA GLU A 203 -8.95 5.06 21.62
C GLU A 203 -9.26 3.54 21.65
N GLU A 204 -10.53 3.17 21.77
CA GLU A 204 -10.93 1.77 21.74
C GLU A 204 -10.79 1.18 20.35
N ARG A 205 -11.11 1.94 19.30
CA ARG A 205 -10.83 1.54 17.91
C ARG A 205 -9.35 1.30 17.65
N GLU A 206 -8.49 2.16 18.19
CA GLU A 206 -7.07 1.97 18.04
C GLU A 206 -6.56 0.73 18.75
N ILE A 207 -7.27 0.31 19.79
CA ILE A 207 -6.99 -0.96 20.48
C ILE A 207 -7.36 -2.13 19.55
N VAL A 208 -8.54 -2.07 18.95
CA VAL A 208 -9.00 -3.13 18.10
C VAL A 208 -8.07 -3.30 16.92
N ARG A 209 -7.56 -2.19 16.41
CA ARG A 209 -6.65 -2.22 15.30
C ARG A 209 -5.35 -2.90 15.67
N ASP A 210 -4.88 -2.69 16.89
CA ASP A 210 -3.66 -3.34 17.42
C ASP A 210 -3.88 -4.83 17.61
N ILE A 211 -5.06 -5.20 18.12
CA ILE A 211 -5.41 -6.62 18.28
C ILE A 211 -5.37 -7.30 16.94
N LYS A 212 -6.01 -6.67 15.95
CA LYS A 212 -5.96 -7.11 14.57
C LYS A 212 -4.57 -7.37 14.05
N GLU A 213 -3.67 -6.38 14.19
CA GLU A 213 -2.33 -6.51 13.70
C GLU A 213 -1.50 -7.53 14.48
N LYS A 214 -1.80 -7.74 15.77
CA LYS A 214 -0.99 -8.68 16.57
C LYS A 214 -1.51 -10.13 16.51
N LEU A 215 -2.84 -10.34 16.47
CA LEU A 215 -3.43 -11.64 16.79
C LEU A 215 -4.19 -12.29 15.65
N CYS A 216 -4.61 -11.51 14.65
CA CYS A 216 -5.31 -12.07 13.51
C CYS A 216 -4.39 -12.86 12.58
N TYR A 217 -4.99 -13.82 11.87
CA TYR A 217 -4.27 -14.61 10.88
C TYR A 217 -5.26 -15.13 9.88
N VAL A 218 -4.79 -15.57 8.71
CA VAL A 218 -5.62 -16.22 7.68
C VAL A 218 -5.54 -17.76 7.77
N ALA A 219 -6.69 -18.40 7.99
CA ALA A 219 -6.84 -19.86 8.06
C ALA A 219 -6.65 -20.45 6.71
N LEU A 220 -5.97 -21.60 6.63
CA LEU A 220 -5.77 -22.29 5.37
C LEU A 220 -7.09 -22.91 4.86
N ASP A 221 -7.90 -23.39 5.78
CA ASP A 221 -9.22 -23.94 5.41
C ASP A 221 -10.12 -23.36 6.48
N PHE A 222 -10.99 -22.43 6.09
CA PHE A 222 -11.79 -21.67 7.01
C PHE A 222 -12.81 -22.52 7.75
N GLU A 223 -13.54 -23.35 7.03
CA GLU A 223 -14.58 -24.16 7.61
C GLU A 223 -13.97 -25.15 8.61
N GLN A 224 -12.80 -25.70 8.33
CA GLN A 224 -12.09 -26.59 9.26
C GLN A 224 -11.63 -25.81 10.48
N GLU A 225 -11.03 -24.61 10.28
CA GLU A 225 -10.60 -23.79 11.40
C GLU A 225 -11.77 -23.40 12.29
N MET A 226 -12.94 -23.11 11.69
CA MET A 226 -14.15 -22.83 12.45
C MET A 226 -14.54 -24.01 13.36
N ALA A 227 -14.46 -25.22 12.83
CA ALA A 227 -14.76 -26.45 13.60
C ALA A 227 -13.76 -26.66 14.68
N THR A 228 -12.49 -26.42 14.42
CA THR A 228 -11.47 -26.41 15.49
C THR A 228 -11.78 -25.48 16.65
N ALA A 229 -12.17 -24.26 16.28
CA ALA A 229 -12.46 -23.23 17.27
C ALA A 229 -13.65 -23.57 18.12
N ALA A 230 -14.62 -24.28 17.56
CA ALA A 230 -15.84 -24.62 18.29
C ALA A 230 -15.68 -25.81 19.23
N SER A 231 -14.66 -26.62 19.04
CA SER A 231 -14.50 -27.81 19.89
C SER A 231 -13.42 -27.73 20.98
N SER A 232 -12.56 -26.71 20.93
CA SER A 232 -11.58 -26.49 21.98
C SER A 232 -11.17 -25.04 22.00
N SER A 233 -10.29 -24.71 22.93
CA SER A 233 -9.83 -23.33 23.02
C SER A 233 -8.40 -23.23 22.54
N SER A 234 -8.01 -24.14 21.65
CA SER A 234 -6.64 -24.23 21.19
C SER A 234 -6.21 -23.03 20.32
N LEU A 235 -7.14 -22.37 19.66
CA LEU A 235 -6.76 -21.23 18.80
C LEU A 235 -6.96 -19.91 19.51
N GLU A 236 -7.27 -19.94 20.81
CA GLU A 236 -7.51 -18.74 21.63
C GLU A 236 -6.25 -18.09 22.03
N LYS A 237 -6.27 -16.77 21.93
CA LYS A 237 -5.17 -15.92 22.38
C LYS A 237 -5.73 -14.72 23.16
N SER A 238 -4.98 -14.23 24.14
CA SER A 238 -5.43 -13.10 24.95
C SER A 238 -4.58 -11.86 24.65
N TYR A 239 -5.19 -10.70 24.78
CA TYR A 239 -4.53 -9.44 24.56
C TYR A 239 -4.65 -8.63 25.85
N GLU A 240 -3.52 -8.14 26.37
CA GLU A 240 -3.54 -7.44 27.63
C GLU A 240 -3.51 -5.93 27.46
N LEU A 241 -4.52 -5.25 27.99
CA LEU A 241 -4.64 -3.77 27.94
C LEU A 241 -3.71 -3.09 28.97
N LYS A 242 -3.32 -1.83 28.71
CA LYS A 242 -2.43 -1.09 29.63
C LYS A 242 -2.88 -1.18 31.11
N ASP A 243 -4.16 -0.88 31.38
CA ASP A 243 -4.76 -0.96 32.72
C ASP A 243 -4.73 -2.37 33.36
N GLY A 244 -4.43 -3.41 32.58
CA GLY A 244 -4.27 -4.75 33.14
C GLY A 244 -5.41 -5.71 32.85
N GLN A 245 -6.54 -5.16 32.42
CA GLN A 245 -7.66 -5.95 31.87
C GLN A 245 -7.19 -6.71 30.58
N VAL A 246 -7.79 -7.87 30.30
CA VAL A 246 -7.49 -8.70 29.10
C VAL A 246 -8.75 -9.00 28.26
N ILE A 247 -8.61 -8.95 26.93
CA ILE A 247 -9.68 -9.46 26.05
C ILE A 247 -9.24 -10.76 25.37
N THR A 248 -10.11 -11.77 25.38
CA THR A 248 -9.75 -13.07 24.83
C THR A 248 -10.45 -13.23 23.48
N ILE A 249 -9.66 -13.69 22.52
CA ILE A 249 -10.15 -13.78 21.16
C ILE A 249 -9.92 -15.18 20.64
N GLY A 250 -10.98 -15.76 20.10
CA GLY A 250 -10.90 -17.04 19.42
C GLY A 250 -11.10 -17.04 17.92
N ASN A 251 -12.28 -17.40 17.46
CA ASN A 251 -12.44 -17.48 16.02
C ASN A 251 -12.41 -16.11 15.32
N GLU A 252 -12.42 -15.03 16.08
CA GLU A 252 -12.46 -13.72 15.47
C GLU A 252 -11.10 -13.42 14.91
N ARG A 253 -10.09 -14.16 15.39
CA ARG A 253 -8.73 -14.09 14.86
C ARG A 253 -8.65 -14.33 13.36
N PHE A 254 -9.42 -15.29 12.84
CA PHE A 254 -9.32 -15.62 11.44
C PHE A 254 -10.58 -15.26 10.65
N ARG A 255 -11.70 -15.02 11.34
CA ARG A 255 -12.93 -14.53 10.71
C ARG A 255 -12.78 -13.10 10.12
N CYS A 256 -11.94 -12.30 10.76
CA CYS A 256 -11.73 -10.93 10.33
C CYS A 256 -11.02 -10.89 8.98
N PRO A 257 -9.83 -11.50 8.83
CA PRO A 257 -9.21 -11.43 7.49
C PRO A 257 -9.83 -12.41 6.44
N GLU A 258 -10.71 -13.31 6.89
CA GLU A 258 -11.43 -14.14 5.96
C GLU A 258 -12.23 -13.21 5.03
N ALA A 259 -12.62 -12.01 5.49
CA ALA A 259 -13.42 -11.08 4.67
C ALA A 259 -12.69 -10.69 3.42
N LEU A 260 -11.35 -10.76 3.41
CA LEU A 260 -10.57 -10.58 2.16
C LEU A 260 -10.88 -11.60 1.09
N PHE A 261 -11.15 -12.85 1.50
CA PHE A 261 -11.42 -13.91 0.56
C PHE A 261 -12.90 -14.07 0.35
N GLN A 262 -13.70 -13.65 1.32
CA GLN A 262 -15.16 -13.70 1.17
C GLN A 262 -15.83 -12.34 1.55
N PRO A 263 -15.83 -11.36 0.64
CA PRO A 263 -16.34 -10.05 0.94
C PRO A 263 -17.82 -10.01 1.33
N SER A 264 -18.56 -11.08 1.08
CA SER A 264 -19.92 -11.27 1.66
C SER A 264 -20.01 -10.93 3.09
N PHE A 265 -18.97 -11.26 3.85
CA PHE A 265 -19.01 -11.08 5.32
C PHE A 265 -19.24 -9.65 5.67
N LEU A 266 -18.83 -8.75 4.78
CA LEU A 266 -19.05 -7.31 4.95
C LEU A 266 -20.33 -6.89 4.19
N GLY A 267 -21.02 -7.84 3.57
CA GLY A 267 -22.17 -7.49 2.71
C GLY A 267 -21.82 -6.86 1.37
N MET A 268 -20.61 -7.15 0.87
CA MET A 268 -20.16 -6.76 -0.44
C MET A 268 -20.38 -7.87 -1.41
N GLU A 269 -20.95 -7.53 -2.58
CA GLU A 269 -21.11 -8.46 -3.72
C GLU A 269 -19.87 -8.39 -4.56
N ALA A 270 -18.75 -8.88 -4.05
CA ALA A 270 -17.53 -8.80 -4.80
C ALA A 270 -16.68 -10.11 -4.68
N CYS A 271 -15.79 -10.35 -5.64
CA CYS A 271 -14.78 -11.40 -5.61
C CYS A 271 -13.74 -11.17 -4.54
N GLY A 272 -13.29 -12.26 -3.92
CA GLY A 272 -12.24 -12.24 -2.91
C GLY A 272 -10.92 -11.86 -3.54
N ILE A 273 -9.89 -11.61 -2.74
CA ILE A 273 -8.57 -11.23 -3.31
C ILE A 273 -7.93 -12.27 -4.19
N HIS A 274 -8.26 -13.54 -3.92
CA HIS A 274 -7.81 -14.66 -4.75
C HIS A 274 -8.42 -14.66 -6.16
N GLU A 275 -9.74 -14.59 -6.26
CA GLU A 275 -10.42 -14.52 -7.54
C GLU A 275 -10.12 -13.23 -8.28
N THR A 276 -9.97 -12.11 -7.59
CA THR A 276 -9.57 -10.84 -8.23
C THR A 276 -8.21 -11.02 -8.91
N THR A 277 -7.26 -11.65 -8.23
CA THR A 277 -5.94 -11.89 -8.78
C THR A 277 -6.05 -12.77 -10.00
N TYR A 278 -6.83 -13.83 -9.92
CA TYR A 278 -7.01 -14.72 -11.03
C TYR A 278 -7.60 -13.99 -12.19
N ASN A 279 -8.66 -13.22 -11.96
CA ASN A 279 -9.37 -12.51 -13.00
C ASN A 279 -8.52 -11.49 -13.70
N SER A 280 -7.53 -10.92 -13.02
CA SER A 280 -6.59 -9.99 -13.69
C SER A 280 -5.65 -10.75 -14.58
N ILE A 281 -5.23 -11.92 -14.16
CA ILE A 281 -4.32 -12.75 -14.92
C ILE A 281 -5.02 -13.16 -16.23
N MET A 282 -6.24 -13.66 -16.13
CA MET A 282 -7.03 -14.01 -17.27
C MET A 282 -7.38 -12.84 -18.16
N LYS A 283 -7.23 -11.61 -17.70
CA LYS A 283 -7.48 -10.48 -18.61
C LYS A 283 -6.27 -10.19 -19.45
N CYS A 284 -5.14 -10.84 -19.13
CA CYS A 284 -3.90 -10.64 -19.84
C CYS A 284 -3.72 -11.66 -20.96
N ASP A 285 -2.73 -11.41 -21.84
CA ASP A 285 -2.40 -12.23 -22.98
C ASP A 285 -1.95 -13.59 -22.46
N VAL A 286 -2.39 -14.65 -23.13
CA VAL A 286 -2.15 -15.99 -22.69
C VAL A 286 -0.66 -16.26 -22.58
N ASP A 287 0.16 -15.61 -23.41
CA ASP A 287 1.60 -15.88 -23.41
C ASP A 287 2.37 -15.35 -22.20
N ILE A 288 1.78 -14.49 -21.39
CA ILE A 288 2.48 -13.97 -20.20
C ILE A 288 1.95 -14.57 -18.87
N ARG A 289 0.79 -15.24 -18.93
CA ARG A 289 0.19 -15.82 -17.76
C ARG A 289 1.12 -16.72 -16.92
N LYS A 290 1.92 -17.56 -17.57
CA LYS A 290 2.87 -18.46 -16.89
C LYS A 290 3.70 -17.61 -15.95
N ASP A 291 4.21 -16.48 -16.46
CA ASP A 291 5.08 -15.60 -15.69
C ASP A 291 4.39 -14.85 -14.57
N LEU A 292 3.14 -14.43 -14.78
CA LEU A 292 2.29 -13.90 -13.70
C LEU A 292 2.04 -14.94 -12.59
N TYR A 293 1.62 -16.15 -12.97
CA TYR A 293 1.27 -17.18 -11.96
C TYR A 293 2.40 -17.54 -11.02
N ALA A 294 3.62 -17.63 -11.52
CA ALA A 294 4.74 -17.93 -10.67
C ALA A 294 5.40 -16.71 -10.05
N ASN A 295 4.89 -15.53 -10.38
CA ASN A 295 5.43 -14.28 -9.81
C ASN A 295 4.30 -13.38 -9.25
N THR A 296 3.48 -13.95 -8.37
CA THR A 296 2.47 -13.18 -7.69
C THR A 296 3.03 -12.60 -6.41
N VAL A 297 3.22 -11.28 -6.36
CA VAL A 297 3.84 -10.61 -5.21
C VAL A 297 2.80 -9.89 -4.30
N LEU A 298 2.82 -10.16 -2.99
CA LEU A 298 1.98 -9.46 -2.03
C LEU A 298 2.70 -8.21 -1.57
N SER A 299 1.96 -7.11 -1.50
CA SER A 299 2.44 -5.83 -1.02
C SER A 299 1.44 -5.13 -0.11
N GLY A 300 1.91 -4.38 0.87
CA GLY A 300 0.99 -3.57 1.65
C GLY A 300 0.71 -4.17 3.01
N GLY A 301 0.34 -3.34 3.97
CA GLY A 301 0.11 -3.74 5.37
C GLY A 301 -0.97 -4.81 5.54
N THR A 302 -2.00 -4.77 4.69
CA THR A 302 -3.07 -5.70 4.83
C THR A 302 -2.73 -7.13 4.34
N THR A 303 -1.55 -7.31 3.77
CA THR A 303 -1.08 -8.61 3.37
C THR A 303 -0.13 -9.19 4.41
N MET A 304 -0.11 -8.61 5.62
CA MET A 304 0.85 -9.02 6.65
C MET A 304 0.33 -10.14 7.53
N TYR A 305 -0.93 -10.57 7.34
CA TYR A 305 -1.49 -11.61 8.17
C TYR A 305 -0.73 -12.91 8.00
N PRO A 306 -0.35 -13.60 9.11
CA PRO A 306 0.22 -14.93 8.97
C PRO A 306 -0.72 -15.83 8.22
N GLY A 307 -0.22 -16.65 7.31
CA GLY A 307 -1.04 -17.60 6.62
C GLY A 307 -1.59 -17.13 5.31
N ILE A 308 -1.33 -15.90 4.94
CA ILE A 308 -2.03 -15.32 3.79
C ILE A 308 -1.47 -15.87 2.50
N ALA A 309 -0.13 -16.07 2.47
CA ALA A 309 0.53 -16.60 1.28
C ALA A 309 0.13 -18.03 0.96
N ASP A 310 0.13 -18.90 1.94
CA ASP A 310 -0.35 -20.26 1.70
C ASP A 310 -1.84 -20.33 1.32
N ARG A 311 -2.66 -19.46 1.89
CA ARG A 311 -4.03 -19.46 1.48
C ARG A 311 -4.17 -19.00 0.04
N MET A 312 -3.51 -17.90 -0.35
CA MET A 312 -3.55 -17.42 -1.75
C MET A 312 -3.11 -18.53 -2.69
N GLN A 313 -2.05 -19.23 -2.31
CA GLN A 313 -1.49 -20.32 -3.10
C GLN A 313 -2.53 -21.42 -3.29
N LYS A 314 -3.15 -21.83 -2.20
CA LYS A 314 -4.17 -22.81 -2.26
C LYS A 314 -5.32 -22.37 -3.13
N GLU A 315 -5.77 -21.13 -2.98
CA GLU A 315 -6.99 -20.70 -3.66
C GLU A 315 -6.77 -20.50 -5.12
N ILE A 316 -5.61 -19.95 -5.46
CA ILE A 316 -5.34 -19.77 -6.88
C ILE A 316 -5.05 -21.09 -7.58
N THR A 317 -4.38 -22.03 -6.91
CA THR A 317 -4.21 -23.39 -7.45
C THR A 317 -5.57 -23.96 -7.84
N ALA A 318 -6.61 -23.63 -7.09
CA ALA A 318 -7.90 -24.25 -7.30
C ALA A 318 -8.57 -23.62 -8.53
N LEU A 319 -8.05 -22.48 -8.97
CA LEU A 319 -8.67 -21.74 -10.05
C LEU A 319 -7.88 -21.91 -11.34
N ALA A 320 -6.58 -22.02 -11.23
CA ALA A 320 -5.73 -22.09 -12.39
C ALA A 320 -5.65 -23.53 -12.90
N PRO A 321 -5.27 -23.73 -14.20
CA PRO A 321 -5.07 -25.05 -14.79
C PRO A 321 -4.12 -25.90 -13.97
N SER A 322 -4.54 -27.17 -13.76
CA SER A 322 -3.83 -28.15 -12.91
C SER A 322 -2.34 -28.29 -13.17
N THR A 323 -1.92 -27.94 -14.37
CA THR A 323 -0.51 -28.09 -14.73
C THR A 323 0.35 -26.86 -14.37
N MET A 324 -0.30 -25.77 -13.94
CA MET A 324 0.34 -24.47 -13.78
C MET A 324 1.16 -24.41 -12.50
N LYS A 325 2.35 -23.83 -12.57
CA LYS A 325 3.12 -23.50 -11.36
C LYS A 325 2.65 -22.19 -10.68
N ILE A 326 2.11 -22.30 -9.46
CA ILE A 326 1.64 -21.14 -8.72
C ILE A 326 2.70 -20.79 -7.73
N LYS A 327 3.09 -19.53 -7.70
CA LYS A 327 4.08 -19.08 -6.69
C LYS A 327 3.71 -17.69 -6.11
N ILE A 328 3.53 -17.63 -4.80
CA ILE A 328 3.24 -16.40 -4.13
C ILE A 328 4.46 -15.92 -3.37
N ILE A 329 4.92 -14.72 -3.70
CA ILE A 329 6.05 -14.14 -3.04
C ILE A 329 5.53 -13.19 -2.00
N ALA A 330 6.02 -13.32 -0.77
CA ALA A 330 5.57 -12.50 0.33
C ALA A 330 6.76 -11.93 1.11
N PRO A 331 7.32 -10.80 0.66
CA PRO A 331 8.54 -10.29 1.29
C PRO A 331 8.28 -9.89 2.72
N PRO A 332 9.22 -10.22 3.62
CA PRO A 332 9.01 -9.93 5.02
C PRO A 332 8.76 -8.44 5.29
N GLU A 333 9.30 -7.58 4.45
CA GLU A 333 9.18 -6.16 4.74
C GLU A 333 8.07 -5.46 3.89
N ARG A 334 7.21 -6.26 3.25
CA ARG A 334 6.19 -5.80 2.32
C ARG A 334 5.26 -4.73 2.84
N LYS A 335 5.34 -4.41 4.10
CA LYS A 335 4.62 -3.29 4.65
C LYS A 335 5.16 -1.93 4.14
N TYR A 336 6.41 -1.93 3.65
CA TYR A 336 7.13 -0.75 3.13
C TYR A 336 7.71 -0.92 1.72
N SER A 337 7.26 -1.93 0.98
CA SER A 337 7.92 -2.34 -0.23
C SER A 337 7.69 -1.36 -1.34
N VAL A 338 6.58 -0.65 -1.28
CA VAL A 338 6.33 0.41 -2.25
C VAL A 338 7.48 1.44 -2.13
N TRP A 339 7.70 1.95 -0.92
CA TRP A 339 8.74 2.93 -0.67
C TRP A 339 10.14 2.42 -1.04
N ILE A 340 10.49 1.23 -0.55
CA ILE A 340 11.79 0.61 -0.82
C ILE A 340 12.03 0.50 -2.31
N GLY A 341 10.96 0.14 -3.05
CA GLY A 341 11.05 0.04 -4.49
C GLY A 341 11.44 1.38 -5.08
N GLY A 342 10.92 2.43 -4.46
CA GLY A 342 11.11 3.79 -4.91
C GLY A 342 12.50 4.26 -4.57
N SER A 343 12.93 3.94 -3.35
CA SER A 343 14.30 4.17 -2.91
C SER A 343 15.36 3.56 -3.84
N ILE A 344 15.18 2.31 -4.25
CA ILE A 344 15.96 1.64 -5.30
C ILE A 344 15.92 2.38 -6.67
N LEU A 345 14.74 2.58 -7.24
CA LEU A 345 14.63 3.25 -8.54
C LEU A 345 15.34 4.60 -8.52
N ALA A 346 15.00 5.43 -7.55
CA ALA A 346 15.50 6.78 -7.50
C ALA A 346 17.03 6.86 -7.24
N SER A 347 17.62 5.76 -6.76
CA SER A 347 19.07 5.66 -6.47
C SER A 347 19.83 5.20 -7.68
N LEU A 348 19.15 4.50 -8.59
CA LEU A 348 19.85 3.89 -9.71
C LEU A 348 20.49 4.97 -10.56
N SER A 349 21.69 4.69 -11.06
CA SER A 349 22.41 5.62 -11.94
C SER A 349 21.72 5.76 -13.27
N THR A 350 21.12 4.67 -13.74
CA THR A 350 20.46 4.72 -15.04
C THR A 350 19.09 5.40 -14.98
N PHE A 351 18.47 5.43 -13.82
CA PHE A 351 17.25 6.23 -13.66
C PHE A 351 17.48 7.74 -13.84
N GLN A 352 18.71 8.17 -13.65
CA GLN A 352 19.03 9.58 -13.42
C GLN A 352 18.65 10.58 -14.49
N GLN A 353 18.49 10.11 -15.73
CA GLN A 353 18.07 10.97 -16.83
C GLN A 353 16.61 10.76 -17.21
N MET A 354 15.84 10.18 -16.30
CA MET A 354 14.43 9.93 -16.54
C MET A 354 13.52 10.87 -15.75
N TRP A 355 14.11 11.60 -14.78
CA TRP A 355 13.39 12.64 -14.06
C TRP A 355 12.77 13.65 -15.02
N ILE A 356 11.78 14.41 -14.53
CA ILE A 356 11.26 15.58 -15.22
C ILE A 356 11.93 16.81 -14.58
N SER A 357 12.71 17.53 -15.38
CA SER A 357 13.41 18.73 -14.88
C SER A 357 12.49 19.95 -14.78
N LYS A 358 12.86 20.89 -13.89
CA LYS A 358 12.17 22.19 -13.78
C LYS A 358 12.22 22.85 -15.13
N GLN A 359 13.31 22.59 -15.85
CA GLN A 359 13.47 23.06 -17.21
C GLN A 359 12.44 22.52 -18.20
N GLU A 360 12.16 21.24 -18.08
CA GLU A 360 11.23 20.55 -18.96
C GLU A 360 9.82 20.93 -18.63
N TYR A 361 9.54 21.19 -17.35
CA TYR A 361 8.21 21.61 -16.90
C TYR A 361 7.76 22.96 -17.52
N ASP A 362 8.55 24.00 -17.24
CA ASP A 362 8.42 25.33 -17.85
C ASP A 362 8.15 25.31 -19.35
N GLU A 363 9.00 24.60 -20.08
CA GLU A 363 8.74 24.35 -21.49
C GLU A 363 7.38 23.73 -21.85
N SER A 364 6.92 22.70 -21.10
CA SER A 364 5.75 21.86 -21.55
C SER A 364 4.48 21.95 -20.72
N GLY A 365 4.60 22.43 -19.50
CA GLY A 365 3.46 22.49 -18.57
C GLY A 365 3.29 21.23 -17.73
N PRO A 366 2.18 21.13 -16.99
CA PRO A 366 1.86 19.94 -16.23
C PRO A 366 1.70 18.66 -17.08
N SER A 367 1.25 18.77 -18.33
CA SER A 367 0.96 17.59 -19.17
C SER A 367 2.20 16.81 -19.61
N ILE A 368 3.39 17.28 -19.27
CA ILE A 368 4.59 16.54 -19.59
C ILE A 368 4.68 15.19 -18.87
N VAL A 369 3.98 15.07 -17.74
CA VAL A 369 3.95 13.88 -16.91
C VAL A 369 3.48 12.67 -17.71
N HIS A 370 2.48 12.84 -18.57
CA HIS A 370 1.94 11.71 -19.32
C HIS A 370 2.94 11.09 -20.27
N ARG A 371 3.93 11.88 -20.70
CA ARG A 371 4.89 11.41 -21.69
C ARG A 371 6.21 10.98 -21.06
N LYS A 372 6.48 11.42 -19.84
CA LYS A 372 7.72 11.12 -19.16
C LYS A 372 7.56 10.02 -18.09
N CYS A 373 6.34 9.84 -17.58
CA CYS A 373 6.02 8.86 -16.52
C CYS A 373 4.91 7.93 -16.98
N PHE A 374 5.29 6.95 -17.78
CA PHE A 374 4.34 6.08 -18.51
C PHE A 374 4.46 4.63 -18.01
N UNK B 1 18.86 -1.06 -24.65
CA UNK B 1 18.94 0.28 -24.04
C UNK B 1 17.56 0.91 -24.18
N UNK B 2 17.19 1.89 -23.34
CA UNK B 2 17.85 2.38 -22.12
C UNK B 2 16.87 2.13 -20.95
N UNK B 3 15.57 2.21 -21.27
CA UNK B 3 14.52 1.65 -20.41
C UNK B 3 14.89 0.21 -20.15
N UNK B 4 15.29 -0.51 -21.20
CA UNK B 4 15.79 -1.88 -21.06
C UNK B 4 17.00 -2.02 -20.12
N UNK B 5 17.89 -1.02 -20.12
CA UNK B 5 18.96 -0.98 -19.10
C UNK B 5 18.53 -0.61 -17.66
N UNK B 6 17.50 0.24 -17.46
CA UNK B 6 16.91 0.42 -16.09
C UNK B 6 16.33 -0.90 -15.60
N UNK B 7 15.59 -1.60 -16.47
CA UNK B 7 14.98 -2.90 -16.18
C UNK B 7 16.03 -3.95 -15.74
N UNK B 8 17.17 -3.94 -16.42
CA UNK B 8 18.30 -4.81 -16.12
C UNK B 8 18.85 -4.49 -14.75
N UNK B 9 19.03 -3.20 -14.51
CA UNK B 9 19.50 -2.71 -13.22
C UNK B 9 18.65 -3.14 -11.99
N UNK B 10 17.33 -3.30 -12.16
CA UNK B 10 16.42 -3.67 -11.05
C UNK B 10 16.41 -5.16 -10.75
N UNK B 11 16.50 -5.97 -11.81
CA UNK B 11 16.61 -7.41 -11.65
C UNK B 11 17.96 -7.83 -11.04
N UNK B 12 19.01 -7.01 -11.28
CA UNK B 12 20.35 -7.26 -10.76
C UNK B 12 20.63 -6.51 -9.46
N UNK B 13 21.04 -5.25 -9.58
CA UNK B 13 21.28 -4.38 -8.41
C UNK B 13 19.94 -4.15 -7.59
N UNK B 14 19.85 -3.23 -6.62
CA UNK B 14 20.93 -2.39 -6.07
C UNK B 14 21.12 -2.63 -4.56
N UNK B 15 22.35 -2.38 -4.09
CA UNK B 15 22.73 -2.40 -2.66
C UNK B 15 22.29 -1.10 -1.97
N UNK B 16 21.72 -1.22 -0.77
CA UNK B 16 21.08 -0.08 -0.05
C UNK B 16 21.72 0.32 1.31
N UNK B 17 21.76 1.63 1.60
CA UNK B 17 22.35 2.11 2.86
C UNK B 17 21.42 1.85 4.05
N UNK B 18 21.96 1.30 5.15
CA UNK B 18 21.16 1.10 6.39
C UNK B 18 20.87 2.44 7.09
N UNK B 19 19.60 2.68 7.39
CA UNK B 19 19.13 3.97 7.95
C UNK B 19 19.36 4.12 9.47
#